data_9JOO
#
_entry.id   9JOO
#
_cell.length_a   60.450
_cell.length_b   79.560
_cell.length_c   81.830
_cell.angle_alpha   90.00
_cell.angle_beta   90.00
_cell.angle_gamma   90.00
#
_symmetry.space_group_name_H-M   'P 21 21 21'
#
loop_
_entity.id
_entity.type
_entity.pdbx_description
1 polymer 'Glycoside-hydrolase family GH114 TIM-barrel domain-containing protein'
2 branched 2-O-sulfo-alpha-L-fucopyranose-(1-3)-alpha-L-fucopyranose-(1-3)-2,4-di-O-sulfo-alpha-L-fucopyranose-(1-3)-2-O-sulfo-alpha-L-fucopyranose
3 water water
#
_entity_poly.entity_id   1
_entity_poly.type   'polypeptide(L)'
_entity_poly.pdbx_seq_one_letter_code
;MGSSHHHHHHSSGLVPRGSHMASMTGGQQMGRGSQSKTNKDYYPEFSWKTVPVAFHFAKRNGLMTDKELDFVTSHSNFIV
LEKGHGGDIRTEKGIDNEAQRIKDINPKAKVVFYWNAFLDYNLYDAHKEYENHKEWWLKKLDGNYDYKSAKVKRYDLSNP
AFRKWWVSIAKKAVVDGHADGVFMDAFIQVINKGNIELWGQKKYDAIQQGLKDLIAETRAAIGEDHLIVYNGIRSIPNRN
VGNDFPEHTDAVMIEHFANFQSKSKESMLQDILEMEKAGKTGKIVVFKAWPNEHSWIDKNFMAKPLQEKRKIARANITFP
LAAFLAGAQENSYFIYNWGYRMDDGGLEWYPELDKSLGKPLNEMKVHNWELTRNYEHASVWLNLATKEAKINWK
;
_entity_poly.pdbx_strand_id   A
#
loop_
_chem_comp.id
_chem_comp.type
_chem_comp.name
_chem_comp.formula
FUC L-saccharide, alpha linking alpha-L-fucopyranose 'C6 H12 O5'
X2Y L-saccharide, alpha linking 2,4-di-O-sulfo-alpha-L-fucopyranose 'C6 H12 O11 S2'
X6Y L-saccharide, alpha linking 2-O-sulfo-alpha-L-fucopyranose 'C6 H12 O8 S'
#
# COMPACT_ATOMS: atom_id res chain seq x y z
N THR A 38 -20.23 8.40 -8.51
CA THR A 38 -19.50 7.54 -9.45
C THR A 38 -19.67 6.04 -9.19
N ASN A 39 -19.87 5.30 -10.27
CA ASN A 39 -19.98 3.85 -10.18
C ASN A 39 -18.59 3.25 -9.93
N LYS A 40 -18.50 2.33 -8.97
CA LYS A 40 -17.22 1.78 -8.55
C LYS A 40 -16.99 0.36 -9.05
N ASP A 41 -17.57 0.01 -10.21
CA ASP A 41 -17.40 -1.36 -10.68
C ASP A 41 -16.00 -1.61 -11.23
N TYR A 42 -15.18 -0.57 -11.42
CA TYR A 42 -13.78 -0.78 -11.73
C TYR A 42 -12.94 -1.10 -10.50
N TYR A 43 -13.56 -1.14 -9.32
CA TYR A 43 -12.89 -1.68 -8.14
C TYR A 43 -12.61 -3.17 -8.34
N PRO A 44 -11.57 -3.71 -7.72
CA PRO A 44 -11.43 -5.17 -7.66
C PRO A 44 -12.66 -5.78 -7.02
N GLU A 45 -13.17 -6.86 -7.62
CA GLU A 45 -14.36 -7.50 -7.08
C GLU A 45 -14.13 -7.98 -5.65
N PHE A 46 -15.00 -7.51 -4.75
CA PHE A 46 -14.82 -7.70 -3.32
C PHE A 46 -15.79 -8.74 -2.80
N SER A 47 -15.35 -9.57 -1.87
CA SER A 47 -16.26 -10.50 -1.22
C SER A 47 -15.85 -10.67 0.24
N TRP A 48 -16.86 -10.87 1.08
CA TRP A 48 -16.66 -11.19 2.49
C TRP A 48 -16.58 -12.68 2.76
N LYS A 49 -16.57 -13.52 1.72
CA LYS A 49 -16.73 -14.95 1.95
C LYS A 49 -15.64 -15.46 2.89
N THR A 50 -14.40 -15.04 2.67
CA THR A 50 -13.29 -15.25 3.58
C THR A 50 -12.64 -13.89 3.81
N VAL A 51 -11.62 -13.85 4.66
CA VAL A 51 -10.94 -12.58 4.95
C VAL A 51 -10.47 -11.95 3.64
N PRO A 52 -10.92 -10.73 3.30
CA PRO A 52 -10.46 -10.11 2.04
C PRO A 52 -8.96 -9.81 2.11
N VAL A 53 -8.20 -10.36 1.18
CA VAL A 53 -6.77 -10.12 1.19
C VAL A 53 -6.33 -9.54 -0.14
N ALA A 54 -5.21 -8.83 -0.10
CA ALA A 54 -4.58 -8.30 -1.30
C ALA A 54 -3.12 -8.68 -1.27
N PHE A 55 -2.42 -8.41 -2.37
CA PHE A 55 -1.00 -8.68 -2.49
C PHE A 55 -0.27 -7.39 -2.84
N HIS A 56 0.92 -7.23 -2.31
CA HIS A 56 1.74 -6.05 -2.60
C HIS A 56 3.20 -6.50 -2.57
N PHE A 57 3.77 -6.80 -3.74
CA PHE A 57 5.15 -7.30 -3.73
C PHE A 57 5.82 -7.07 -5.08
N ALA A 58 7.12 -7.31 -5.09
CA ALA A 58 7.90 -7.52 -6.29
C ALA A 58 8.68 -8.81 -6.15
N LYS A 59 8.72 -9.59 -7.22
CA LYS A 59 9.64 -10.71 -7.35
C LYS A 59 10.90 -10.19 -8.06
N ARG A 60 12.03 -10.20 -7.35
CA ARG A 60 13.14 -9.34 -7.76
C ARG A 60 14.00 -9.88 -8.90
N ASN A 61 13.89 -11.17 -9.27
CA ASN A 61 14.78 -11.73 -10.28
C ASN A 61 14.08 -12.23 -11.53
N GLY A 62 12.76 -12.13 -11.60
CA GLY A 62 12.06 -12.56 -12.78
C GLY A 62 10.56 -12.53 -12.55
N LEU A 63 9.84 -12.93 -13.58
CA LEU A 63 8.41 -12.98 -13.48
C LEU A 63 7.97 -14.23 -12.72
N MET A 64 6.72 -14.21 -12.29
CA MET A 64 6.12 -15.21 -11.43
C MET A 64 6.05 -16.54 -12.18
N THR A 65 6.20 -17.64 -11.45
CA THR A 65 5.95 -18.91 -12.10
C THR A 65 4.45 -19.15 -12.22
N ASP A 66 4.09 -20.15 -13.03
CA ASP A 66 2.69 -20.55 -13.18
C ASP A 66 2.07 -20.86 -11.83
N LYS A 67 2.81 -21.51 -10.95
CA LYS A 67 2.20 -21.88 -9.69
C LYS A 67 2.10 -20.67 -8.77
N GLU A 68 3.13 -19.81 -8.77
CA GLU A 68 3.04 -18.54 -8.07
C GLU A 68 1.88 -17.71 -8.59
N LEU A 69 1.71 -17.69 -9.90
CA LEU A 69 0.59 -16.99 -10.52
C LEU A 69 -0.73 -17.60 -10.03
N ASP A 70 -0.80 -18.93 -10.01
CA ASP A 70 -2.00 -19.63 -9.56
C ASP A 70 -2.34 -19.31 -8.11
N PHE A 71 -1.32 -19.24 -7.25
CA PHE A 71 -1.56 -18.94 -5.84
C PHE A 71 -2.13 -17.54 -5.65
N VAL A 72 -1.54 -16.55 -6.32
CA VAL A 72 -1.97 -15.17 -6.14
C VAL A 72 -3.37 -14.97 -6.69
N THR A 73 -3.63 -15.48 -7.90
CA THR A 73 -4.89 -15.16 -8.55
C THR A 73 -6.06 -15.91 -7.93
N SER A 74 -5.79 -17.09 -7.38
CA SER A 74 -6.82 -17.82 -6.66
C SER A 74 -7.11 -17.23 -5.28
N HIS A 75 -6.21 -16.42 -4.72
CA HIS A 75 -6.41 -15.90 -3.37
C HIS A 75 -6.79 -14.42 -3.31
N SER A 76 -6.71 -13.67 -4.41
CA SER A 76 -7.07 -12.26 -4.32
C SER A 76 -7.33 -11.71 -5.71
N ASN A 77 -8.15 -10.64 -5.77
CA ASN A 77 -8.38 -9.91 -7.01
C ASN A 77 -7.65 -8.58 -7.03
N PHE A 78 -6.70 -8.37 -6.12
CA PHE A 78 -6.10 -7.06 -5.91
C PHE A 78 -4.61 -7.26 -5.67
N ILE A 79 -3.77 -6.84 -6.62
CA ILE A 79 -2.34 -7.05 -6.58
C ILE A 79 -1.62 -5.76 -6.97
N VAL A 80 -0.80 -5.26 -6.06
CA VAL A 80 0.10 -4.16 -6.38
C VAL A 80 1.48 -4.76 -6.65
N LEU A 81 2.04 -4.48 -7.82
CA LEU A 81 3.37 -4.95 -8.17
C LEU A 81 4.37 -3.84 -7.90
N GLU A 82 5.41 -4.17 -7.12
CA GLU A 82 6.32 -3.19 -6.56
C GLU A 82 7.43 -2.84 -7.54
N LYS A 83 8.12 -1.73 -7.24
CA LYS A 83 9.36 -1.41 -7.94
C LYS A 83 10.28 -2.63 -8.00
N GLY A 84 10.87 -2.88 -9.17
CA GLY A 84 11.80 -3.98 -9.33
C GLY A 84 11.19 -5.33 -9.67
N HIS A 85 9.87 -5.41 -9.88
CA HIS A 85 9.29 -6.69 -10.21
C HIS A 85 9.71 -7.13 -11.61
N GLY A 86 10.11 -8.38 -11.73
CA GLY A 86 10.56 -8.92 -13.00
C GLY A 86 12.06 -8.95 -13.18
N GLY A 87 12.82 -8.23 -12.36
CA GLY A 87 14.25 -8.22 -12.53
C GLY A 87 14.75 -7.37 -13.69
N ASP A 88 15.70 -7.92 -14.46
CA ASP A 88 16.53 -7.09 -15.34
C ASP A 88 15.71 -6.42 -16.44
N ILE A 89 14.58 -7.02 -16.81
CA ILE A 89 13.67 -6.41 -17.79
C ILE A 89 13.17 -5.02 -17.37
N ARG A 90 13.41 -4.63 -16.10
CA ARG A 90 13.03 -3.34 -15.50
C ARG A 90 11.54 -3.34 -15.23
N THR A 91 11.09 -2.39 -14.39
CA THR A 91 9.78 -2.52 -13.73
C THR A 91 8.63 -2.37 -14.72
N GLU A 92 8.71 -1.41 -15.63
CA GLU A 92 7.60 -1.16 -16.53
C GLU A 92 7.27 -2.40 -17.34
N LYS A 93 8.28 -3.03 -17.93
CA LYS A 93 8.01 -4.23 -18.71
C LYS A 93 7.63 -5.38 -17.79
N GLY A 94 8.34 -5.51 -16.67
CA GLY A 94 8.02 -6.57 -15.73
C GLY A 94 6.57 -6.52 -15.29
N ILE A 95 6.10 -5.32 -14.95
CA ILE A 95 4.72 -5.21 -14.46
C ILE A 95 3.74 -5.35 -15.60
N ASP A 96 4.07 -4.79 -16.78
CA ASP A 96 3.16 -4.94 -17.91
C ASP A 96 3.02 -6.40 -18.29
N ASN A 97 4.13 -7.14 -18.29
CA ASN A 97 4.08 -8.56 -18.62
C ASN A 97 3.34 -9.36 -17.56
N GLU A 98 3.64 -9.11 -16.28
CA GLU A 98 2.94 -9.85 -15.24
C GLU A 98 1.44 -9.55 -15.26
N ALA A 99 1.06 -8.28 -15.45
CA ALA A 99 -0.36 -7.95 -15.48
C ALA A 99 -1.10 -8.75 -16.55
N GLN A 100 -0.49 -8.89 -17.73
CA GLN A 100 -1.02 -9.81 -18.75
C GLN A 100 -1.21 -11.20 -18.18
N ARG A 101 -0.12 -11.75 -17.63
CA ARG A 101 -0.16 -13.13 -17.13
C ARG A 101 -1.24 -13.30 -16.09
N ILE A 102 -1.36 -12.33 -15.18
CA ILE A 102 -2.37 -12.41 -14.12
C ILE A 102 -3.78 -12.41 -14.70
N LYS A 103 -4.08 -11.43 -15.56
CA LYS A 103 -5.45 -11.31 -16.02
C LYS A 103 -5.80 -12.35 -17.06
N ASP A 104 -4.79 -12.97 -17.69
CA ASP A 104 -5.04 -14.15 -18.49
C ASP A 104 -5.62 -15.27 -17.63
N ILE A 105 -5.10 -15.42 -16.41
CA ILE A 105 -5.61 -16.45 -15.51
C ILE A 105 -6.91 -15.99 -14.87
N ASN A 106 -6.95 -14.75 -14.39
CA ASN A 106 -8.07 -14.24 -13.60
C ASN A 106 -8.37 -12.84 -14.09
N PRO A 107 -9.29 -12.69 -15.04
CA PRO A 107 -9.58 -11.35 -15.60
C PRO A 107 -10.19 -10.40 -14.60
N LYS A 108 -10.54 -10.88 -13.39
CA LYS A 108 -11.11 -10.03 -12.36
C LYS A 108 -10.04 -9.33 -11.51
N ALA A 109 -8.83 -9.86 -11.49
CA ALA A 109 -7.75 -9.27 -10.72
C ALA A 109 -7.37 -7.90 -11.25
N LYS A 110 -7.19 -6.95 -10.34
CA LYS A 110 -6.69 -5.62 -10.66
C LYS A 110 -5.22 -5.55 -10.31
N VAL A 111 -4.40 -5.19 -11.28
CA VAL A 111 -2.94 -5.21 -11.16
C VAL A 111 -2.45 -3.77 -11.23
N VAL A 112 -1.83 -3.31 -10.15
CA VAL A 112 -1.56 -1.89 -9.96
C VAL A 112 -0.06 -1.66 -10.13
N PHE A 113 0.28 -0.62 -10.88
CA PHE A 113 1.65 -0.26 -11.23
C PHE A 113 2.20 0.66 -10.13
N TYR A 114 3.21 0.18 -9.40
CA TYR A 114 3.83 0.99 -8.36
C TYR A 114 4.67 2.09 -8.97
N TRP A 115 4.44 3.33 -8.54
CA TRP A 115 5.16 4.46 -9.13
C TRP A 115 5.29 5.52 -8.03
N ASN A 116 6.48 5.59 -7.44
CA ASN A 116 6.69 6.45 -6.28
C ASN A 116 6.48 7.92 -6.65
N ALA A 117 5.69 8.60 -5.86
CA ALA A 117 5.36 9.99 -6.18
C ALA A 117 6.48 10.96 -5.83
N PHE A 118 7.52 10.52 -5.10
CA PHE A 118 8.51 11.43 -4.54
C PHE A 118 9.94 10.99 -4.81
N LEU A 119 10.19 9.72 -5.14
CA LEU A 119 11.52 9.15 -5.12
C LEU A 119 11.87 8.54 -6.48
N ASP A 120 13.12 8.77 -6.90
CA ASP A 120 13.65 8.29 -8.18
C ASP A 120 14.47 7.02 -7.94
N TYR A 121 13.83 5.86 -8.09
CA TYR A 121 14.52 4.58 -7.95
C TYR A 121 15.08 4.13 -9.29
N ASN A 122 16.29 3.56 -9.26
CA ASN A 122 16.94 3.05 -10.46
C ASN A 122 16.51 1.62 -10.76
N LEU A 123 15.20 1.45 -10.97
CA LEU A 123 14.63 0.15 -11.30
C LEU A 123 13.66 0.24 -12.46
N TYR A 124 13.62 1.38 -13.15
CA TYR A 124 12.71 1.62 -14.26
C TYR A 124 13.50 2.09 -15.47
N ASP A 125 12.95 1.81 -16.66
CA ASP A 125 13.37 2.55 -17.84
C ASP A 125 13.20 4.05 -17.64
N ALA A 126 12.13 4.45 -16.93
CA ALA A 126 11.88 5.87 -16.69
C ALA A 126 13.02 6.52 -15.94
N HIS A 127 13.75 5.76 -15.12
CA HIS A 127 14.87 6.35 -14.41
C HIS A 127 15.94 6.87 -15.36
N LYS A 128 16.19 6.16 -16.46
CA LYS A 128 17.20 6.64 -17.41
C LYS A 128 16.79 7.99 -17.98
N GLU A 129 15.49 8.17 -18.22
CA GLU A 129 15.01 9.44 -18.73
C GLU A 129 15.16 10.54 -17.69
N TYR A 130 14.81 10.24 -16.44
CA TYR A 130 14.93 11.24 -15.38
C TYR A 130 16.36 11.71 -15.21
N GLU A 131 17.33 10.78 -15.36
CA GLU A 131 18.74 11.17 -15.32
C GLU A 131 19.09 12.15 -16.42
N ASN A 132 18.37 12.13 -17.54
CA ASN A 132 18.60 13.05 -18.65
C ASN A 132 17.86 14.36 -18.50
N HIS A 133 17.24 14.60 -17.35
CA HIS A 133 16.40 15.77 -17.14
C HIS A 133 16.78 16.49 -15.85
N LYS A 134 18.08 16.77 -15.69
CA LYS A 134 18.60 17.57 -14.58
C LYS A 134 17.81 18.86 -14.36
N GLU A 135 17.24 19.43 -15.43
CA GLU A 135 16.54 20.71 -15.28
C GLU A 135 15.33 20.59 -14.37
N TRP A 136 14.80 19.38 -14.16
CA TRP A 136 13.70 19.18 -13.22
C TRP A 136 14.13 18.91 -11.79
N TRP A 137 15.40 18.54 -11.57
CA TRP A 137 15.78 17.99 -10.28
C TRP A 137 15.57 18.98 -9.15
N LEU A 138 15.08 18.46 -8.02
CA LEU A 138 14.84 19.26 -6.83
C LEU A 138 16.17 19.67 -6.20
N LYS A 139 16.27 20.95 -5.83
CA LYS A 139 17.43 21.46 -5.13
C LYS A 139 17.00 21.91 -3.74
N LYS A 140 17.93 21.83 -2.79
CA LYS A 140 17.74 22.34 -1.43
C LYS A 140 18.23 23.78 -1.33
N LEU A 141 17.93 24.41 -0.18
CA LEU A 141 18.30 25.79 0.08
C LEU A 141 19.79 26.03 -0.09
N ASP A 142 20.62 25.04 0.22
CA ASP A 142 22.06 25.21 0.05
C ASP A 142 22.50 25.08 -1.40
N GLY A 143 21.56 24.94 -2.33
CA GLY A 143 21.88 24.75 -3.73
C GLY A 143 22.27 23.34 -4.11
N ASN A 144 22.37 22.42 -3.16
CA ASN A 144 22.68 21.05 -3.52
C ASN A 144 21.40 20.33 -3.95
N TYR A 145 21.56 19.38 -4.86
CA TYR A 145 20.42 18.60 -5.30
C TYR A 145 19.89 17.78 -4.12
N ASP A 146 18.57 17.61 -4.08
CA ASP A 146 17.95 16.93 -2.95
C ASP A 146 17.98 15.44 -3.19
N TYR A 147 18.75 14.72 -2.38
CA TYR A 147 18.84 13.27 -2.44
C TYR A 147 18.31 12.70 -1.14
N LYS A 148 17.49 11.66 -1.23
CA LYS A 148 17.14 10.88 -0.05
C LYS A 148 18.29 9.96 0.34
N SER A 149 18.94 9.35 -0.65
CA SER A 149 20.15 8.59 -0.40
C SER A 149 21.01 8.69 -1.64
N ALA A 150 22.17 8.03 -1.60
CA ALA A 150 23.19 8.19 -2.64
C ALA A 150 22.61 8.05 -4.04
N LYS A 151 21.66 7.15 -4.22
CA LYS A 151 21.18 6.76 -5.53
C LYS A 151 19.74 7.18 -5.78
N VAL A 152 19.12 7.89 -4.85
CA VAL A 152 17.69 8.15 -4.88
C VAL A 152 17.46 9.64 -4.66
N LYS A 153 17.15 10.33 -5.74
CA LYS A 153 16.76 11.72 -5.71
C LYS A 153 15.30 11.82 -5.28
N ARG A 154 14.94 12.98 -4.75
CA ARG A 154 13.56 13.27 -4.42
C ARG A 154 13.04 14.26 -5.47
N TYR A 155 11.81 14.08 -5.90
CA TYR A 155 11.25 14.84 -7.01
C TYR A 155 10.77 16.21 -6.58
N ASP A 156 10.89 17.18 -7.48
CA ASP A 156 10.31 18.52 -7.29
C ASP A 156 8.88 18.50 -7.77
N LEU A 157 7.95 18.18 -6.86
CA LEU A 157 6.54 18.15 -7.20
C LEU A 157 6.00 19.52 -7.57
N SER A 158 6.68 20.60 -7.19
CA SER A 158 6.25 21.93 -7.60
C SER A 158 6.73 22.27 -9.00
N ASN A 159 7.43 21.36 -9.67
CA ASN A 159 7.88 21.60 -11.03
C ASN A 159 6.91 20.95 -12.01
N PRO A 160 6.08 21.73 -12.71
CA PRO A 160 5.05 21.13 -13.58
C PRO A 160 5.61 20.37 -14.76
N ALA A 161 6.83 20.68 -15.19
CA ALA A 161 7.48 19.89 -16.24
C ALA A 161 7.82 18.49 -15.74
N PHE A 162 8.34 18.38 -14.53
CA PHE A 162 8.50 17.07 -13.92
C PHE A 162 7.16 16.35 -13.83
N ARG A 163 6.13 17.06 -13.36
CA ARG A 163 4.86 16.39 -13.10
C ARG A 163 4.28 15.79 -14.37
N LYS A 164 4.26 16.57 -15.47
CA LYS A 164 3.77 16.06 -16.75
C LYS A 164 4.53 14.80 -17.17
N TRP A 165 5.85 14.76 -16.92
CA TRP A 165 6.62 13.58 -17.24
C TRP A 165 6.26 12.42 -16.31
N TRP A 166 6.23 12.68 -15.01
CA TRP A 166 5.86 11.64 -14.05
C TRP A 166 4.53 11.01 -14.43
N VAL A 167 3.55 11.86 -14.75
CA VAL A 167 2.20 11.39 -15.07
C VAL A 167 2.20 10.57 -16.35
N SER A 168 3.05 10.95 -17.30
CA SER A 168 3.14 10.24 -18.56
C SER A 168 3.61 8.80 -18.36
N ILE A 169 4.47 8.58 -17.36
CA ILE A 169 4.94 7.23 -17.08
C ILE A 169 3.81 6.36 -16.56
N ALA A 170 3.05 6.88 -15.60
CA ALA A 170 1.86 6.17 -15.13
C ALA A 170 0.87 5.97 -16.28
N LYS A 171 0.69 7.00 -17.10
CA LYS A 171 -0.32 6.88 -18.16
C LYS A 171 0.07 5.80 -19.16
N LYS A 172 1.35 5.70 -19.50
CA LYS A 172 1.77 4.68 -20.45
C LYS A 172 1.60 3.28 -19.85
N ALA A 173 1.93 3.12 -18.56
CA ALA A 173 1.74 1.84 -17.87
C ALA A 173 0.27 1.44 -17.79
N VAL A 174 -0.61 2.40 -17.55
CA VAL A 174 -2.01 2.12 -17.24
C VAL A 174 -2.92 2.26 -18.45
N VAL A 175 -2.84 3.39 -19.16
CA VAL A 175 -3.70 3.58 -20.32
C VAL A 175 -3.24 2.71 -21.49
N ASP A 176 -1.94 2.71 -21.76
CA ASP A 176 -1.39 2.01 -22.90
C ASP A 176 -0.79 0.67 -22.52
N GLY A 177 -0.99 0.22 -21.29
CA GLY A 177 -0.44 -1.03 -20.84
C GLY A 177 -1.46 -1.87 -20.12
N HIS A 178 -1.04 -2.98 -19.56
CA HIS A 178 -1.93 -3.94 -18.95
C HIS A 178 -2.18 -3.68 -17.47
N ALA A 179 -1.54 -2.67 -16.89
CA ALA A 179 -1.85 -2.28 -15.52
C ALA A 179 -3.24 -1.63 -15.45
N ASP A 180 -3.92 -1.85 -14.31
CA ASP A 180 -5.26 -1.29 -14.10
C ASP A 180 -5.26 -0.03 -13.25
N GLY A 181 -4.09 0.40 -12.80
CA GLY A 181 -4.05 1.52 -11.86
C GLY A 181 -2.62 1.79 -11.45
N VAL A 182 -2.46 2.83 -10.65
CA VAL A 182 -1.14 3.24 -10.18
C VAL A 182 -1.16 3.33 -8.65
N PHE A 183 -0.04 2.96 -8.02
CA PHE A 183 0.16 3.09 -6.59
C PHE A 183 1.11 4.27 -6.38
N MET A 184 0.58 5.38 -5.88
CA MET A 184 1.37 6.57 -5.61
C MET A 184 1.91 6.52 -4.18
N ASP A 185 3.21 6.31 -4.07
CA ASP A 185 3.83 6.08 -2.78
C ASP A 185 4.52 7.34 -2.29
N ALA A 186 4.81 7.35 -0.98
CA ALA A 186 5.72 8.25 -0.30
C ALA A 186 5.10 9.61 0.04
N PHE A 187 3.78 9.74 0.04
CA PHE A 187 3.17 11.03 0.39
C PHE A 187 3.64 11.49 1.77
N ILE A 188 3.83 10.55 2.68
CA ILE A 188 4.22 10.86 4.04
C ILE A 188 5.56 11.58 4.07
N GLN A 189 6.49 11.13 3.27
CA GLN A 189 7.79 11.80 3.18
C GLN A 189 7.67 13.16 2.53
N VAL A 190 6.72 13.32 1.59
CA VAL A 190 6.50 14.63 0.98
C VAL A 190 6.07 15.64 2.03
N ILE A 191 5.10 15.26 2.86
CA ILE A 191 4.47 16.24 3.73
C ILE A 191 5.33 16.51 4.95
N ASN A 192 6.30 15.62 5.24
CA ASN A 192 7.21 15.72 6.38
C ASN A 192 7.65 17.17 6.62
N LYS A 193 7.40 17.68 7.82
CA LYS A 193 7.69 19.08 8.05
C LYS A 193 9.19 19.34 8.22
N GLY A 194 9.99 18.29 8.39
CA GLY A 194 11.42 18.45 8.31
C GLY A 194 11.88 19.04 6.99
N ASN A 195 11.13 18.79 5.91
CA ASN A 195 11.52 19.33 4.60
C ASN A 195 11.53 20.85 4.58
N ILE A 196 10.86 21.52 5.52
CA ILE A 196 10.87 22.97 5.48
C ILE A 196 12.28 23.50 5.69
N GLU A 197 13.03 22.84 6.56
CA GLU A 197 14.42 23.24 6.77
C GLU A 197 15.26 23.08 5.51
N LEU A 198 14.94 22.11 4.66
CA LEU A 198 15.70 21.87 3.46
C LEU A 198 15.28 22.73 2.27
N TRP A 199 13.99 23.11 2.21
CA TRP A 199 13.44 23.81 1.06
C TRP A 199 13.07 25.26 1.32
N GLY A 200 12.82 25.63 2.58
CA GLY A 200 12.12 26.88 2.87
C GLY A 200 10.61 26.73 2.73
N GLN A 201 9.89 27.63 3.42
CA GLN A 201 8.44 27.49 3.53
C GLN A 201 7.74 27.68 2.17
N LYS A 202 8.16 28.68 1.40
CA LYS A 202 7.54 28.91 0.10
C LYS A 202 7.64 27.68 -0.79
N LYS A 203 8.84 27.12 -0.91
CA LYS A 203 9.01 25.93 -1.74
C LYS A 203 8.25 24.74 -1.15
N TYR A 204 8.31 24.56 0.17
CA TYR A 204 7.58 23.47 0.81
C TYR A 204 6.10 23.57 0.49
N ASP A 205 5.52 24.75 0.61
CA ASP A 205 4.10 24.92 0.29
C ASP A 205 3.81 24.60 -1.17
N ALA A 206 4.69 25.06 -2.07
CA ALA A 206 4.47 24.78 -3.49
C ALA A 206 4.52 23.29 -3.76
N ILE A 207 5.39 22.58 -3.05
CA ILE A 207 5.52 21.15 -3.28
C ILE A 207 4.28 20.42 -2.76
N GLN A 208 3.77 20.82 -1.59
CA GLN A 208 2.51 20.22 -1.10
C GLN A 208 1.38 20.44 -2.09
N GLN A 209 1.25 21.66 -2.60
CA GLN A 209 0.26 21.90 -3.65
C GLN A 209 0.59 21.07 -4.89
N GLY A 210 1.88 20.93 -5.21
CA GLY A 210 2.28 20.13 -6.36
C GLY A 210 1.88 18.68 -6.25
N LEU A 211 1.90 18.14 -5.03
CA LEU A 211 1.41 16.78 -4.82
C LEU A 211 -0.08 16.67 -5.11
N LYS A 212 -0.88 17.62 -4.62
CA LYS A 212 -2.30 17.64 -4.94
C LYS A 212 -2.53 17.64 -6.44
N ASP A 213 -1.80 18.52 -7.15
CA ASP A 213 -1.99 18.62 -8.59
C ASP A 213 -1.53 17.37 -9.30
N LEU A 214 -0.43 16.77 -8.84
CA LEU A 214 0.04 15.51 -9.41
C LEU A 214 -1.04 14.45 -9.40
N ILE A 215 -1.79 14.37 -8.30
CA ILE A 215 -2.86 13.38 -8.20
C ILE A 215 -3.97 13.74 -9.16
N ALA A 216 -4.34 15.03 -9.21
CA ALA A 216 -5.39 15.45 -10.14
C ALA A 216 -4.96 15.18 -11.58
N GLU A 217 -3.71 15.50 -11.91
CA GLU A 217 -3.23 15.28 -13.27
C GLU A 217 -3.15 13.80 -13.59
N THR A 218 -2.79 12.98 -12.60
CA THR A 218 -2.80 11.53 -12.81
C THR A 218 -4.20 11.05 -13.15
N ARG A 219 -5.20 11.42 -12.34
CA ARG A 219 -6.58 11.05 -12.65
C ARG A 219 -6.96 11.53 -14.04
N ALA A 220 -6.59 12.77 -14.39
CA ALA A 220 -6.94 13.30 -15.70
C ALA A 220 -6.38 12.41 -16.81
N ALA A 221 -5.13 11.97 -16.65
CA ALA A 221 -4.46 11.20 -17.69
C ALA A 221 -4.99 9.78 -17.79
N ILE A 222 -5.25 9.12 -16.65
CA ILE A 222 -5.60 7.71 -16.73
C ILE A 222 -7.10 7.47 -16.80
N GLY A 223 -7.90 8.50 -16.62
CA GLY A 223 -9.34 8.37 -16.80
C GLY A 223 -10.04 7.82 -15.58
N GLU A 224 -11.34 7.57 -15.75
CA GLU A 224 -12.23 7.30 -14.63
C GLU A 224 -12.31 5.81 -14.28
N ASP A 225 -11.82 4.91 -15.13
CA ASP A 225 -11.96 3.49 -14.89
C ASP A 225 -10.71 2.84 -14.34
N HIS A 226 -9.66 3.61 -14.04
CA HIS A 226 -8.43 3.04 -13.51
C HIS A 226 -8.23 3.48 -12.07
N LEU A 227 -7.53 2.64 -11.32
CA LEU A 227 -7.37 2.83 -9.90
C LEU A 227 -6.22 3.76 -9.59
N ILE A 228 -6.39 4.59 -8.56
CA ILE A 228 -5.28 5.28 -7.93
C ILE A 228 -5.24 4.86 -6.46
N VAL A 229 -4.19 4.16 -6.09
CA VAL A 229 -3.92 3.83 -4.68
C VAL A 229 -2.87 4.82 -4.17
N TYR A 230 -3.03 5.27 -2.94
CA TYR A 230 -2.01 6.11 -2.32
C TYR A 230 -1.62 5.69 -0.92
N ASN A 231 -0.35 5.91 -0.60
CA ASN A 231 0.13 5.51 0.70
C ASN A 231 0.20 6.73 1.56
N GLY A 232 -0.76 6.81 2.47
CA GLY A 232 -0.88 7.97 3.29
C GLY A 232 -1.33 7.84 4.71
N ILE A 233 -2.24 6.92 5.06
CA ILE A 233 -2.68 6.90 6.47
C ILE A 233 -1.55 6.46 7.37
N ARG A 234 -1.15 7.33 8.29
CA ARG A 234 -0.08 7.01 9.22
C ARG A 234 -0.38 7.65 10.56
N SER A 235 -0.56 6.81 11.56
CA SER A 235 -0.89 7.29 12.90
C SER A 235 0.38 7.27 13.74
N ILE A 236 0.86 8.46 14.09
CA ILE A 236 2.00 8.64 14.96
C ILE A 236 1.56 9.67 15.99
N PRO A 237 1.71 9.42 17.28
CA PRO A 237 1.10 10.31 18.27
C PRO A 237 1.48 11.76 18.04
N ASN A 238 0.48 12.64 18.06
CA ASN A 238 0.59 14.08 17.86
C ASN A 238 0.99 14.46 16.44
N ARG A 239 0.93 13.51 15.49
CA ARG A 239 1.41 13.76 14.14
C ARG A 239 0.58 12.95 13.13
N ASN A 240 -0.68 12.70 13.46
CA ASN A 240 -1.50 11.79 12.67
C ASN A 240 -1.71 12.32 11.25
N VAL A 241 -1.69 11.40 10.30
CA VAL A 241 -1.99 11.72 8.92
C VAL A 241 -3.10 10.74 8.51
N GLY A 242 -4.21 11.27 8.05
CA GLY A 242 -5.33 10.42 7.67
C GLY A 242 -5.54 10.23 6.20
N ASN A 243 -6.80 10.08 5.81
CA ASN A 243 -7.14 9.98 4.38
C ASN A 243 -7.19 11.40 3.82
N ASP A 244 -6.01 12.00 3.71
CA ASP A 244 -5.94 13.44 3.46
C ASP A 244 -5.75 13.78 1.98
N PHE A 245 -5.82 12.80 1.09
CA PHE A 245 -5.91 13.06 -0.35
C PHE A 245 -7.07 12.27 -0.94
N PRO A 246 -8.31 12.53 -0.47
CA PRO A 246 -9.44 11.69 -0.86
C PRO A 246 -9.95 11.98 -2.26
N GLU A 247 -9.80 13.21 -2.72
CA GLU A 247 -10.29 13.54 -4.05
C GLU A 247 -9.42 12.84 -5.09
N HIS A 248 -10.07 12.29 -6.12
CA HIS A 248 -9.40 11.62 -7.23
C HIS A 248 -8.78 10.28 -6.90
N THR A 249 -8.71 9.88 -5.64
CA THR A 249 -8.11 8.61 -5.31
C THR A 249 -9.19 7.58 -4.98
N ASP A 250 -8.86 6.30 -5.19
CA ASP A 250 -9.80 5.22 -4.90
C ASP A 250 -9.43 4.38 -3.69
N ALA A 251 -8.16 4.41 -3.28
CA ALA A 251 -7.65 3.43 -2.32
C ALA A 251 -6.58 4.10 -1.49
N VAL A 252 -6.57 3.77 -0.21
CA VAL A 252 -5.60 4.33 0.69
C VAL A 252 -5.01 3.23 1.54
N MET A 253 -3.73 3.32 1.75
CA MET A 253 -3.05 2.31 2.51
C MET A 253 -2.68 2.69 3.91
N ILE A 254 -2.87 1.77 4.82
CA ILE A 254 -2.35 1.94 6.18
C ILE A 254 -1.13 1.04 6.21
N GLU A 255 0.06 1.63 6.13
CA GLU A 255 1.22 0.77 5.90
C GLU A 255 1.79 0.20 7.19
N HIS A 256 1.64 0.92 8.28
CA HIS A 256 2.44 0.71 9.48
C HIS A 256 1.61 0.22 10.64
N PHE A 257 0.59 -0.62 10.40
CA PHE A 257 -0.27 -0.98 11.52
C PHE A 257 0.52 -1.71 12.59
N ALA A 258 0.43 -1.20 13.82
CA ALA A 258 1.06 -1.82 14.99
C ALA A 258 2.55 -2.05 14.77
N ASN A 259 3.21 -1.19 13.99
CA ASN A 259 4.64 -1.37 13.78
C ASN A 259 5.30 0.00 13.61
N PHE A 260 6.63 -0.01 13.57
CA PHE A 260 7.44 1.19 13.31
C PHE A 260 7.10 2.25 14.36
N GLN A 261 6.69 3.46 13.98
CA GLN A 261 6.32 4.47 14.95
C GLN A 261 4.85 4.44 15.31
N SER A 262 4.11 3.41 14.88
CA SER A 262 2.68 3.30 15.12
C SER A 262 2.32 2.13 16.02
N LYS A 263 3.16 1.82 17.02
CA LYS A 263 2.91 0.67 17.89
C LYS A 263 1.97 1.01 19.06
N SER A 264 1.78 2.28 19.37
CA SER A 264 0.98 2.68 20.53
C SER A 264 -0.50 2.33 20.33
N LYS A 265 -1.20 2.09 21.45
CA LYS A 265 -2.63 1.83 21.37
C LYS A 265 -3.36 3.05 20.79
N GLU A 266 -2.93 4.25 21.15
CA GLU A 266 -3.40 5.47 20.50
C GLU A 266 -3.31 5.33 18.98
N SER A 267 -2.13 4.97 18.49
CA SER A 267 -1.91 4.93 17.05
C SER A 267 -2.67 3.78 16.39
N MET A 268 -2.74 2.62 17.05
CA MET A 268 -3.46 1.54 16.41
C MET A 268 -4.95 1.82 16.37
N LEU A 269 -5.49 2.46 17.42
CA LEU A 269 -6.89 2.84 17.40
C LEU A 269 -7.18 3.78 16.24
N GLN A 270 -6.39 4.83 16.10
CA GLN A 270 -6.61 5.78 15.02
C GLN A 270 -6.50 5.10 13.66
N ASP A 271 -5.45 4.29 13.46
CA ASP A 271 -5.36 3.49 12.23
C ASP A 271 -6.66 2.75 11.96
N ILE A 272 -7.14 1.97 12.94
CA ILE A 272 -8.36 1.20 12.70
C ILE A 272 -9.53 2.12 12.43
N LEU A 273 -9.65 3.21 13.20
CA LEU A 273 -10.76 4.14 12.96
C LEU A 273 -10.66 4.74 11.56
N GLU A 274 -9.43 5.01 11.11
CA GLU A 274 -9.26 5.62 9.81
C GLU A 274 -9.66 4.66 8.69
N MET A 275 -9.33 3.37 8.84
CA MET A 275 -9.90 2.36 7.94
C MET A 275 -11.40 2.45 7.85
N GLU A 276 -12.06 2.41 9.01
CA GLU A 276 -13.51 2.47 9.05
C GLU A 276 -14.01 3.71 8.33
N LYS A 277 -13.44 4.86 8.67
CA LYS A 277 -13.86 6.13 8.10
C LYS A 277 -13.67 6.15 6.58
N ALA A 278 -12.46 5.82 6.12
CA ALA A 278 -12.21 5.82 4.69
C ALA A 278 -13.12 4.82 3.97
N GLY A 279 -13.27 3.62 4.55
CA GLY A 279 -14.16 2.63 3.94
C GLY A 279 -15.59 3.12 3.81
N LYS A 280 -16.11 3.77 4.85
CA LYS A 280 -17.47 4.32 4.78
C LYS A 280 -17.61 5.39 3.71
N THR A 281 -16.53 6.11 3.36
CA THR A 281 -16.65 7.07 2.26
C THR A 281 -16.63 6.38 0.90
N GLY A 282 -16.40 5.08 0.86
CA GLY A 282 -16.32 4.36 -0.39
C GLY A 282 -14.92 4.05 -0.88
N LYS A 283 -13.90 4.34 -0.08
CA LYS A 283 -12.54 4.03 -0.48
C LYS A 283 -12.25 2.55 -0.28
N ILE A 284 -11.41 2.01 -1.17
CA ILE A 284 -10.62 0.84 -0.85
C ILE A 284 -9.63 1.19 0.26
N VAL A 285 -9.48 0.30 1.23
CA VAL A 285 -8.46 0.46 2.25
C VAL A 285 -7.54 -0.76 2.22
N VAL A 286 -6.24 -0.52 2.18
CA VAL A 286 -5.24 -1.56 2.25
C VAL A 286 -4.62 -1.46 3.64
N PHE A 287 -4.85 -2.47 4.44
CA PHE A 287 -4.46 -2.52 5.84
C PHE A 287 -3.24 -3.42 5.87
N LYS A 288 -2.05 -2.83 5.93
CA LYS A 288 -0.81 -3.61 5.88
C LYS A 288 -0.39 -4.01 7.29
N ALA A 289 -0.36 -5.31 7.56
CA ALA A 289 -0.08 -5.81 8.90
C ALA A 289 1.25 -6.56 8.93
N TRP A 290 1.77 -6.72 10.14
CA TRP A 290 3.11 -7.26 10.32
C TRP A 290 3.13 -8.32 11.40
N PRO A 291 3.98 -9.34 11.25
CA PRO A 291 4.09 -10.38 12.29
C PRO A 291 4.81 -9.86 13.51
N ASN A 292 4.05 -9.36 14.48
CA ASN A 292 4.58 -8.91 15.77
C ASN A 292 5.82 -8.04 15.59
N GLU A 293 5.64 -6.97 14.82
CA GLU A 293 6.61 -5.89 14.62
C GLU A 293 7.85 -6.31 13.83
N HIS A 294 7.95 -7.58 13.40
CA HIS A 294 9.07 -8.00 12.56
C HIS A 294 8.85 -7.59 11.11
N SER A 295 9.94 -7.37 10.40
CA SER A 295 9.83 -6.91 9.02
C SER A 295 11.18 -7.09 8.34
N TRP A 296 11.22 -6.76 7.05
CA TRP A 296 12.45 -6.94 6.27
C TRP A 296 13.59 -6.09 6.80
N ILE A 297 13.31 -5.03 7.56
CA ILE A 297 14.39 -4.23 8.14
C ILE A 297 14.64 -4.65 9.58
N ASP A 298 14.12 -5.81 9.96
CA ASP A 298 14.42 -6.45 11.25
C ASP A 298 15.50 -7.49 10.98
N LYS A 299 16.76 -7.06 11.08
CA LYS A 299 17.87 -7.92 10.67
C LYS A 299 17.89 -9.22 11.47
N ASN A 300 17.63 -9.15 12.78
CA ASN A 300 17.61 -10.37 13.57
C ASN A 300 16.52 -11.32 13.09
N PHE A 301 15.33 -10.78 12.79
CA PHE A 301 14.23 -11.63 12.33
C PHE A 301 14.51 -12.19 10.94
N MET A 302 15.04 -11.36 10.03
CA MET A 302 15.36 -11.87 8.70
C MET A 302 16.52 -12.85 8.72
N ALA A 303 17.29 -12.87 9.81
CA ALA A 303 18.36 -13.87 9.93
C ALA A 303 17.81 -15.26 10.20
N LYS A 304 16.65 -15.36 10.82
CA LYS A 304 16.10 -16.66 11.16
C LYS A 304 15.79 -17.47 9.91
N PRO A 305 15.80 -18.79 9.99
CA PRO A 305 15.43 -19.59 8.82
C PRO A 305 13.93 -19.52 8.58
N LEU A 306 13.56 -19.69 7.31
CA LEU A 306 12.17 -19.51 6.89
C LEU A 306 11.19 -20.28 7.76
N GLN A 307 11.58 -21.47 8.22
CA GLN A 307 10.66 -22.25 9.05
C GLN A 307 10.33 -21.53 10.35
N GLU A 308 11.32 -20.87 10.96
CA GLU A 308 11.04 -20.11 12.18
C GLU A 308 10.24 -18.84 11.88
N LYS A 309 10.66 -18.07 10.87
CA LYS A 309 9.87 -16.93 10.42
C LYS A 309 8.41 -17.32 10.24
N ARG A 310 8.18 -18.49 9.61
CA ARG A 310 6.81 -18.95 9.39
C ARG A 310 6.12 -19.33 10.70
N LYS A 311 6.86 -19.93 11.64
CA LYS A 311 6.25 -20.25 12.93
C LYS A 311 5.83 -18.98 13.65
N ILE A 312 6.66 -17.93 13.57
CA ILE A 312 6.35 -16.68 14.23
C ILE A 312 5.16 -16.00 13.57
N ALA A 313 5.11 -16.01 12.24
CA ALA A 313 4.03 -15.32 11.55
C ALA A 313 2.69 -16.00 11.83
N ARG A 314 2.67 -17.35 11.77
CA ARG A 314 1.45 -18.08 12.08
C ARG A 314 0.97 -17.81 13.50
N ALA A 315 1.91 -17.65 14.44
CA ALA A 315 1.50 -17.46 15.83
C ALA A 315 1.00 -16.06 16.11
N ASN A 316 1.29 -15.10 15.24
CA ASN A 316 1.04 -13.69 15.54
C ASN A 316 0.04 -13.04 14.59
N ILE A 317 -0.73 -13.85 13.87
CA ILE A 317 -1.69 -13.26 12.93
C ILE A 317 -2.95 -12.77 13.64
N THR A 318 -3.25 -13.32 14.83
CA THR A 318 -4.57 -13.10 15.39
C THR A 318 -4.79 -11.63 15.75
N PHE A 319 -3.78 -10.96 16.31
CA PHE A 319 -4.04 -9.58 16.74
C PHE A 319 -4.20 -8.65 15.55
N PRO A 320 -3.30 -8.62 14.57
CA PRO A 320 -3.55 -7.77 13.39
C PRO A 320 -4.81 -8.17 12.64
N LEU A 321 -5.07 -9.47 12.50
CA LEU A 321 -6.27 -9.89 11.80
C LEU A 321 -7.52 -9.38 12.51
N ALA A 322 -7.56 -9.49 13.84
CA ALA A 322 -8.73 -9.02 14.58
C ALA A 322 -8.86 -7.51 14.47
N ALA A 323 -7.73 -6.80 14.49
CA ALA A 323 -7.75 -5.35 14.31
C ALA A 323 -8.34 -5.00 12.95
N PHE A 324 -7.84 -5.67 11.90
CA PHE A 324 -8.41 -5.50 10.58
C PHE A 324 -9.92 -5.75 10.59
N LEU A 325 -10.34 -6.91 11.12
CA LEU A 325 -11.75 -7.25 11.05
C LEU A 325 -12.60 -6.32 11.92
N ALA A 326 -12.02 -5.77 12.98
CA ALA A 326 -12.76 -4.82 13.80
C ALA A 326 -13.23 -3.64 12.99
N GLY A 327 -12.37 -3.10 12.12
CA GLY A 327 -12.69 -1.89 11.41
C GLY A 327 -12.96 -2.07 9.93
N ALA A 328 -12.80 -3.29 9.42
CA ALA A 328 -12.89 -3.49 7.98
C ALA A 328 -14.27 -3.10 7.45
N GLN A 329 -14.27 -2.53 6.25
CA GLN A 329 -15.46 -2.14 5.52
C GLN A 329 -15.45 -2.84 4.16
N GLU A 330 -16.55 -2.69 3.42
CA GLU A 330 -16.51 -3.12 2.03
C GLU A 330 -15.31 -2.48 1.34
N ASN A 331 -14.54 -3.30 0.63
CA ASN A 331 -13.33 -2.89 -0.10
C ASN A 331 -12.13 -2.69 0.80
N SER A 332 -12.13 -3.24 2.01
CA SER A 332 -10.95 -3.24 2.86
C SER A 332 -10.20 -4.55 2.67
N TYR A 333 -8.87 -4.47 2.63
CA TYR A 333 -8.04 -5.61 2.32
C TYR A 333 -6.94 -5.78 3.34
N PHE A 334 -6.72 -7.04 3.73
CA PHE A 334 -5.73 -7.47 4.71
C PHE A 334 -4.47 -7.95 4.00
N ILE A 335 -3.33 -7.32 4.28
CA ILE A 335 -2.04 -7.79 3.78
C ILE A 335 -1.17 -8.13 4.97
N TYR A 336 -0.78 -9.40 5.09
CA TYR A 336 -0.02 -9.86 6.24
C TYR A 336 1.20 -10.63 5.76
N ASN A 337 2.38 -10.03 5.95
CA ASN A 337 3.66 -10.59 5.55
C ASN A 337 4.72 -9.72 6.21
N TRP A 338 6.00 -10.00 5.92
CA TRP A 338 7.05 -9.20 6.55
C TRP A 338 7.81 -8.31 5.55
N GLY A 339 7.21 -7.97 4.42
CA GLY A 339 7.89 -7.06 3.52
C GLY A 339 7.28 -7.07 2.14
N TYR A 340 8.00 -6.40 1.23
CA TYR A 340 7.50 -6.16 -0.12
C TYR A 340 8.19 -6.98 -1.19
N ARG A 341 9.20 -7.77 -0.86
CA ARG A 341 9.59 -8.79 -1.81
C ARG A 341 8.60 -9.95 -1.74
N MET A 342 8.39 -10.61 -2.85
CA MET A 342 7.52 -11.76 -2.86
C MET A 342 7.97 -12.78 -1.84
N ASP A 343 9.29 -12.94 -1.70
CA ASP A 343 9.82 -13.90 -0.74
C ASP A 343 9.73 -13.40 0.70
N ASP A 344 9.28 -12.17 0.93
CA ASP A 344 9.14 -11.63 2.28
C ASP A 344 7.88 -12.13 2.96
N GLY A 345 7.56 -13.42 2.80
CA GLY A 345 6.31 -13.97 3.29
C GLY A 345 5.14 -13.74 2.37
N GLY A 346 5.37 -13.25 1.16
CA GLY A 346 4.27 -12.77 0.33
C GLY A 346 3.34 -13.85 -0.14
N LEU A 347 3.84 -15.07 -0.32
CA LEU A 347 3.02 -16.17 -0.79
C LEU A 347 2.71 -17.15 0.34
N GLU A 348 2.96 -16.76 1.59
CA GLU A 348 2.53 -17.57 2.72
C GLU A 348 1.02 -17.52 2.85
N TRP A 349 0.45 -18.58 3.40
CA TRP A 349 -0.98 -18.62 3.69
C TRP A 349 -1.19 -19.11 5.12
N TYR A 350 -2.40 -18.87 5.63
CA TYR A 350 -2.69 -19.08 7.03
C TYR A 350 -4.11 -19.64 7.11
N PRO A 351 -4.35 -20.56 8.05
CA PRO A 351 -5.71 -21.13 8.17
C PRO A 351 -6.78 -20.08 8.39
N GLU A 352 -6.48 -19.05 9.18
CA GLU A 352 -7.44 -17.98 9.44
C GLU A 352 -7.95 -17.38 8.14
N LEU A 353 -7.14 -17.39 7.09
CA LEU A 353 -7.54 -16.76 5.84
C LEU A 353 -8.38 -17.66 4.96
N ASP A 354 -8.69 -18.88 5.41
CA ASP A 354 -9.60 -19.77 4.70
C ASP A 354 -10.96 -19.90 5.40
N LYS A 355 -11.07 -19.48 6.65
CA LYS A 355 -12.30 -19.70 7.37
C LYS A 355 -13.42 -18.83 6.82
N SER A 356 -14.64 -19.30 6.98
CA SER A 356 -15.79 -18.51 6.60
C SER A 356 -15.89 -17.28 7.48
N LEU A 357 -16.13 -16.15 6.86
CA LEU A 357 -16.32 -14.88 7.55
C LEU A 357 -17.72 -14.36 7.30
N GLY A 358 -18.09 -14.11 6.06
CA GLY A 358 -19.41 -13.59 5.79
C GLY A 358 -19.49 -12.10 6.07
N LYS A 359 -20.65 -11.55 5.78
CA LYS A 359 -20.87 -10.12 5.86
C LYS A 359 -20.73 -9.63 7.30
N PRO A 360 -20.30 -8.39 7.50
CA PRO A 360 -20.40 -7.80 8.83
C PRO A 360 -21.87 -7.62 9.19
N LEU A 361 -22.18 -7.85 10.46
CA LEU A 361 -23.54 -7.71 10.96
C LEU A 361 -23.77 -6.41 11.71
N ASN A 362 -22.71 -5.70 12.09
CA ASN A 362 -22.84 -4.47 12.85
C ASN A 362 -21.63 -3.60 12.53
N GLU A 363 -21.67 -2.36 13.03
CA GLU A 363 -20.50 -1.48 13.00
C GLU A 363 -19.53 -1.86 14.10
N MET A 364 -18.26 -1.52 13.87
CA MET A 364 -17.29 -1.54 14.96
C MET A 364 -17.86 -0.92 16.22
N LYS A 365 -17.59 -1.57 17.35
CA LYS A 365 -17.92 -1.02 18.66
C LYS A 365 -16.62 -0.73 19.41
N VAL A 366 -16.58 0.42 20.07
CA VAL A 366 -15.40 0.84 20.83
C VAL A 366 -15.85 1.01 22.28
N HIS A 367 -15.23 0.25 23.18
CA HIS A 367 -15.44 0.37 24.63
C HIS A 367 -14.07 0.59 25.24
N ASN A 368 -13.67 1.86 25.40
CA ASN A 368 -12.30 2.20 25.75
C ASN A 368 -11.37 1.52 24.73
N TRP A 369 -10.38 0.75 25.17
CA TRP A 369 -9.39 0.17 24.28
C TRP A 369 -9.83 -1.16 23.70
N GLU A 370 -11.05 -1.60 23.98
CA GLU A 370 -11.58 -2.84 23.44
C GLU A 370 -12.44 -2.54 22.23
N LEU A 371 -12.21 -3.29 21.17
CA LEU A 371 -12.92 -3.14 19.91
C LEU A 371 -13.58 -4.46 19.59
N THR A 372 -14.84 -4.42 19.15
CA THR A 372 -15.55 -5.63 18.75
C THR A 372 -16.25 -5.40 17.43
N ARG A 373 -16.48 -6.50 16.71
CA ARG A 373 -17.27 -6.51 15.49
C ARG A 373 -17.87 -7.90 15.32
N ASN A 374 -19.07 -7.94 14.74
CA ASN A 374 -19.75 -9.21 14.45
C ASN A 374 -19.91 -9.38 12.95
N TYR A 375 -19.56 -10.58 12.49
CA TYR A 375 -19.80 -11.04 11.14
C TYR A 375 -20.72 -12.25 11.16
N GLU A 376 -21.25 -12.60 9.99
CA GLU A 376 -22.12 -13.78 9.86
C GLU A 376 -21.49 -15.03 10.47
N HIS A 377 -20.20 -15.24 10.26
CA HIS A 377 -19.58 -16.48 10.75
C HIS A 377 -18.41 -16.20 11.67
N ALA A 378 -18.35 -15.02 12.29
CA ALA A 378 -17.22 -14.74 13.18
C ALA A 378 -17.56 -13.58 14.10
N SER A 379 -17.03 -13.65 15.32
CA SER A 379 -17.08 -12.56 16.28
C SER A 379 -15.66 -12.14 16.59
N VAL A 380 -15.40 -10.83 16.56
CA VAL A 380 -14.06 -10.29 16.74
C VAL A 380 -14.00 -9.47 18.02
N TRP A 381 -12.95 -9.68 18.82
CA TRP A 381 -12.68 -8.86 19.99
C TRP A 381 -11.19 -8.65 20.08
N LEU A 382 -10.79 -7.43 20.44
CA LEU A 382 -9.38 -7.19 20.75
C LEU A 382 -9.28 -6.06 21.75
N ASN A 383 -8.14 -6.02 22.44
CA ASN A 383 -7.84 -5.05 23.48
C ASN A 383 -6.55 -4.37 23.04
N LEU A 384 -6.65 -3.10 22.65
CA LEU A 384 -5.45 -2.41 22.17
C LEU A 384 -4.47 -2.16 23.30
N ALA A 385 -4.96 -2.03 24.53
CA ALA A 385 -4.06 -1.74 25.65
C ALA A 385 -3.17 -2.94 25.96
N THR A 386 -3.66 -4.16 25.75
CA THR A 386 -2.89 -5.34 26.08
C THR A 386 -2.37 -6.09 24.86
N LYS A 387 -2.77 -5.68 23.66
CA LYS A 387 -2.41 -6.39 22.43
C LYS A 387 -2.91 -7.83 22.45
N GLU A 388 -4.10 -8.04 22.98
CA GLU A 388 -4.70 -9.36 22.98
C GLU A 388 -5.93 -9.36 22.08
N ALA A 389 -6.20 -10.52 21.49
CA ALA A 389 -7.28 -10.60 20.54
C ALA A 389 -7.85 -12.00 20.57
N LYS A 390 -9.14 -12.09 20.23
CA LYS A 390 -9.83 -13.35 20.15
C LYS A 390 -10.78 -13.26 18.97
N ILE A 391 -10.69 -14.22 18.06
CA ILE A 391 -11.66 -14.36 16.99
C ILE A 391 -12.42 -15.65 17.21
N ASN A 392 -13.72 -15.55 17.41
CA ASN A 392 -14.57 -16.73 17.54
C ASN A 392 -15.15 -17.00 16.15
N TRP A 393 -14.52 -17.94 15.44
CA TRP A 393 -15.02 -18.38 14.14
C TRP A 393 -16.17 -19.36 14.34
N LYS A 394 -17.27 -19.12 13.63
CA LYS A 394 -18.47 -19.95 13.80
C LYS A 394 -18.70 -20.86 12.60
C5 X6Y B . 6.06 0.26 0.70
C6 X6Y B . 5.00 -0.44 -0.07
C2 X6Y B . 8.08 2.33 0.45
C4 X6Y B . 7.41 0.05 0.02
C3 X6Y B . 8.46 0.90 0.63
C1 X6Y B . 6.74 2.55 1.14
O5 X6Y B . 5.64 1.68 0.70
O4 X6Y B . 7.24 0.40 -1.37
O1 X6Y B . 6.95 2.21 2.44
O3 X6Y B . 9.78 0.64 0.03
S1 X6Y B . 9.70 4.38 0.13
O6 X6Y B . 8.67 5.38 -0.35
O7 X6Y B . 10.84 5.05 0.89
O8 X6Y B . 10.16 3.77 -1.18
O2 X6Y B . 9.04 3.19 1.07
C5 X2Y B . 12.02 2.12 1.87
C4 X2Y B . 13.27 1.40 1.38
C3 X2Y B . 13.01 0.68 0.12
C2 X2Y B . 11.94 -0.37 0.35
C1 X2Y B . 10.64 0.15 1.00
O5 X2Y B . 10.85 1.16 2.06
C6 X2Y B . 12.30 2.75 3.16
O3 X2Y B . 14.24 -0.03 -0.31
S1 X2Y B . 11.28 -2.62 -0.88
O6 X2Y B . 12.56 -3.44 -0.99
O7 X2Y B . 10.31 -2.97 -2.01
O8 X2Y B . 10.77 -3.04 0.47
O2 X2Y B . 11.61 -0.97 -0.91
S2 X2Y B . 15.22 0.21 2.86
O9 X2Y B . 16.19 0.86 1.90
O10 X2Y B . 15.45 0.68 4.29
O11 X2Y B . 15.60 -1.25 2.71
O4 X2Y B . 13.61 0.43 2.41
C1 FUC B . 14.75 0.40 -1.55
C2 FUC B . 16.21 -0.04 -1.62
C3 FUC B . 16.32 -1.52 -1.68
C4 FUC B . 15.62 -2.05 -2.88
C5 FUC B . 14.14 -1.64 -2.83
C6 FUC B . 13.45 -2.17 -4.06
O2 FUC B . 16.93 0.45 -0.48
O3 FUC B . 17.73 -1.98 -1.63
O4 FUC B . 16.25 -1.54 -4.09
O5 FUC B . 13.93 -0.18 -2.66
C5 X6Y B . 18.57 -2.68 1.13
C6 X6Y B . 18.28 -2.97 2.56
C2 X6Y B . 19.19 -3.91 -1.47
C4 X6Y B . 19.97 -3.17 0.81
C3 X6Y B . 20.28 -3.30 -0.64
C1 X6Y B . 17.81 -3.29 -1.15
O5 X6Y B . 17.52 -3.34 0.28
O4 X6Y B . 20.19 -4.45 1.47
O3 X6Y B . 21.47 -4.14 -0.78
S1 X6Y B . 19.70 -5.06 -3.80
O6 X6Y B . 21.12 -5.19 -4.31
O7 X6Y B . 19.28 -6.32 -3.05
O8 X6Y B . 18.95 -4.94 -5.11
O2 X6Y B . 19.49 -3.73 -2.85
C5 X6Y C . 16.16 11.47 13.58
C6 X6Y C . 15.62 12.80 13.95
C2 X6Y C . 17.08 9.81 11.39
C4 X6Y C . 15.18 10.77 12.61
C3 X6Y C . 15.77 9.53 12.05
C1 X6Y C . 18.05 10.38 12.43
O5 X6Y C . 17.54 11.62 13.01
O4 X6Y C . 14.85 11.70 11.54
O1 X6Y C . 18.21 9.45 13.44
O3 X6Y C . 14.89 8.87 11.07
S1 X6Y C . 19.15 8.37 10.45
O6 X6Y C . 19.78 9.56 9.74
O7 X6Y C . 19.92 8.01 11.72
O8 X6Y C . 19.33 7.31 9.40
O2 X6Y C . 17.55 8.60 10.80
C5 X2Y C . 14.53 5.77 11.78
C4 X2Y C . 13.59 5.47 10.61
C3 X2Y C . 13.51 6.64 9.72
C2 X2Y C . 12.90 7.78 10.50
C1 X2Y C . 13.81 8.21 11.67
O5 X2Y C . 14.27 7.08 12.51
C6 X2Y C . 14.44 4.68 12.77
O3 X2Y C . 12.65 6.32 8.57
S1 X2Y C . 11.19 9.56 9.56
O6 X2Y C . 10.60 9.79 10.93
O7 X2Y C . 11.23 10.84 8.72
O8 X2Y C . 10.20 8.56 9.00
O2 X2Y C . 12.74 8.90 9.64
S2 X2Y C . 11.58 3.71 10.89
O9 X2Y C . 10.15 3.79 10.41
O10 X2Y C . 12.49 2.93 9.95
O11 X2Y C . 11.40 2.98 12.21
O4 X2Y C . 12.26 5.23 11.17
C1 FUC C . 13.36 6.19 7.38
C2 FUC C . 12.54 5.25 6.51
C3 FUC C . 11.20 5.85 6.32
C4 FUC C . 11.27 7.15 5.59
C5 FUC C . 12.17 8.12 6.34
C6 FUC C . 12.38 9.38 5.52
O2 FUC C . 12.42 3.95 7.15
O3 FUC C . 10.35 4.92 5.57
O4 FUC C . 11.83 6.86 4.27
O5 FUC C . 13.48 7.50 6.67
C5 X6Y C . 9.69 2.32 6.19
C6 X6Y C . 9.60 1.08 7.01
C2 X6Y C . 8.11 4.62 5.25
C4 X6Y C . 8.83 2.20 4.92
C3 X6Y C . 8.46 3.51 4.34
C1 X6Y C . 9.19 4.73 6.31
O5 X6Y C . 9.27 3.48 7.04
O4 X6Y C . 7.63 1.44 5.20
O3 X6Y C . 7.13 3.42 3.78
S1 X6Y C . 6.67 6.56 4.27
O6 X6Y C . 5.51 5.73 3.80
O7 X6Y C . 6.41 7.19 5.61
O8 X6Y C . 6.70 7.63 3.20
O2 X6Y C . 8.09 5.74 4.38
#